data_2EW3
#
_entry.id   2EW3
#
_entity_poly.entity_id   1
_entity_poly.type   'polypeptide(L)'
_entity_poly.pdbx_seq_one_letter_code
;MDQPCCRGLYDFEPENQGELGFKEGDIITLTNQIDENWYEGMIHGESGFFPINYVEVIVPLEHHHHHH
;
_entity_poly.pdbx_strand_id   A
#
# COMPACT_ATOMS: atom_id res chain seq x y z
N MET A 1 16.15 6.76 -9.86
CA MET A 1 15.31 7.52 -8.90
C MET A 1 13.84 7.51 -9.33
N ASP A 2 13.07 6.64 -8.70
CA ASP A 2 11.65 6.52 -9.01
C ASP A 2 10.90 5.80 -7.88
N GLN A 3 9.77 6.36 -7.47
CA GLN A 3 8.98 5.78 -6.40
C GLN A 3 7.48 5.76 -6.77
N PRO A 4 7.02 4.70 -7.47
CA PRO A 4 5.62 4.57 -7.88
C PRO A 4 4.66 4.68 -6.70
N CYS A 5 3.41 5.01 -6.99
CA CYS A 5 2.40 5.15 -5.95
C CYS A 5 1.10 4.45 -6.34
N CYS A 6 0.22 4.27 -5.36
CA CYS A 6 -1.06 3.62 -5.58
C CYS A 6 -2.14 4.24 -4.70
N ARG A 7 -3.38 3.80 -4.90
CA ARG A 7 -4.49 4.32 -4.11
C ARG A 7 -5.48 3.22 -3.76
N GLY A 8 -5.87 3.18 -2.49
CA GLY A 8 -6.82 2.17 -2.03
C GLY A 8 -8.24 2.45 -2.47
N LEU A 9 -8.92 1.42 -2.95
CA LEU A 9 -10.30 1.54 -3.40
C LEU A 9 -11.25 1.42 -2.23
N TYR A 10 -10.85 0.63 -1.24
CA TYR A 10 -11.66 0.41 -0.05
C TYR A 10 -10.82 0.59 1.21
N ASP A 11 -11.43 1.11 2.26
CA ASP A 11 -10.73 1.33 3.51
C ASP A 11 -10.49 0.04 4.26
N PHE A 12 -9.56 0.10 5.20
CA PHE A 12 -9.20 -1.06 6.02
C PHE A 12 -8.38 -0.64 7.23
N GLU A 13 -8.83 -1.06 8.41
CA GLU A 13 -8.11 -0.76 9.64
C GLU A 13 -7.09 -1.85 9.93
N PRO A 14 -5.82 -1.48 10.18
CA PRO A 14 -4.77 -2.47 10.46
C PRO A 14 -5.00 -3.21 11.78
N GLU A 15 -4.92 -4.54 11.72
CA GLU A 15 -5.11 -5.36 12.91
C GLU A 15 -3.99 -6.39 13.08
N ASN A 16 -3.24 -6.61 12.01
CA ASN A 16 -2.14 -7.56 12.03
C ASN A 16 -0.80 -6.86 11.83
N GLN A 17 0.18 -7.22 12.65
CA GLN A 17 1.51 -6.61 12.57
C GLN A 17 2.15 -6.89 11.21
N GLY A 18 2.76 -5.86 10.64
CA GLY A 18 3.42 -6.01 9.35
C GLY A 18 2.60 -5.44 8.21
N GLU A 19 1.28 -5.40 8.38
CA GLU A 19 0.38 -4.89 7.36
C GLU A 19 0.33 -3.36 7.41
N LEU A 20 -0.22 -2.75 6.37
CA LEU A 20 -0.31 -1.30 6.30
C LEU A 20 -1.77 -0.85 6.26
N GLY A 21 -2.13 0.05 7.16
CA GLY A 21 -3.50 0.55 7.23
C GLY A 21 -3.71 1.76 6.35
N PHE A 22 -4.94 1.91 5.84
CA PHE A 22 -5.27 3.04 4.98
C PHE A 22 -6.76 3.04 4.65
N LYS A 23 -7.23 4.13 4.04
CA LYS A 23 -8.64 4.25 3.68
C LYS A 23 -8.81 4.55 2.20
N GLU A 24 -10.04 4.92 1.85
CA GLU A 24 -10.39 5.26 0.48
C GLU A 24 -9.74 6.57 0.07
N GLY A 25 -9.01 6.54 -1.03
CA GLY A 25 -8.35 7.75 -1.52
C GLY A 25 -6.94 7.90 -0.97
N ASP A 26 -6.57 7.00 -0.06
CA ASP A 26 -5.24 7.05 0.54
C ASP A 26 -4.17 6.64 -0.46
N ILE A 27 -3.21 7.54 -0.68
CA ILE A 27 -2.12 7.28 -1.61
C ILE A 27 -0.90 6.74 -0.87
N ILE A 28 -0.44 5.56 -1.24
CA ILE A 28 0.71 4.93 -0.60
C ILE A 28 1.90 4.88 -1.55
N THR A 29 3.11 5.10 -1.01
CA THR A 29 4.32 5.05 -1.81
C THR A 29 4.97 3.68 -1.69
N LEU A 30 4.99 2.94 -2.79
CA LEU A 30 5.57 1.61 -2.78
C LEU A 30 7.02 1.59 -3.24
N THR A 31 7.79 0.71 -2.62
CA THR A 31 9.19 0.54 -2.95
C THR A 31 9.74 -0.73 -2.31
N ASN A 32 8.82 -1.60 -1.91
CA ASN A 32 9.14 -2.85 -1.28
C ASN A 32 8.14 -3.89 -1.74
N GLN A 33 8.26 -5.13 -1.27
CA GLN A 33 7.32 -6.16 -1.68
C GLN A 33 7.51 -7.49 -0.97
N ILE A 34 6.40 -8.20 -0.82
CA ILE A 34 6.41 -9.51 -0.18
C ILE A 34 6.38 -10.62 -1.22
N ASP A 35 5.51 -10.46 -2.20
CA ASP A 35 5.37 -11.43 -3.27
C ASP A 35 4.51 -10.86 -4.40
N GLU A 36 4.15 -11.72 -5.36
CA GLU A 36 3.34 -11.30 -6.50
C GLU A 36 1.90 -11.00 -6.09
N ASN A 37 1.55 -11.25 -4.84
CA ASN A 37 0.18 -11.01 -4.36
C ASN A 37 0.07 -9.67 -3.64
N TRP A 38 0.88 -9.48 -2.60
CA TRP A 38 0.84 -8.24 -1.83
C TRP A 38 2.19 -7.52 -1.86
N TYR A 39 2.14 -6.21 -2.10
CA TYR A 39 3.35 -5.38 -2.17
C TYR A 39 3.67 -4.75 -0.84
N GLU A 40 4.71 -3.93 -0.81
CA GLU A 40 5.11 -3.24 0.41
C GLU A 40 5.56 -1.82 0.13
N GLY A 41 5.25 -0.94 1.07
CA GLY A 41 5.63 0.45 0.96
C GLY A 41 5.45 1.20 2.27
N MET A 42 5.44 2.53 2.22
CA MET A 42 5.28 3.31 3.44
C MET A 42 4.33 4.49 3.21
N ILE A 43 3.72 4.94 4.29
CA ILE A 43 2.79 6.07 4.26
C ILE A 43 3.00 6.94 5.50
N HIS A 44 3.27 8.23 5.26
CA HIS A 44 3.50 9.19 6.34
C HIS A 44 4.80 8.87 7.08
N GLY A 45 4.77 7.82 7.90
CA GLY A 45 5.96 7.43 8.64
C GLY A 45 5.92 5.99 9.10
N GLU A 46 5.24 5.13 8.32
CA GLU A 46 5.13 3.72 8.67
C GLU A 46 5.16 2.83 7.43
N SER A 47 5.73 1.64 7.58
CA SER A 47 5.83 0.69 6.48
C SER A 47 4.87 -0.48 6.68
N GLY A 48 4.60 -1.20 5.59
CA GLY A 48 3.69 -2.34 5.66
C GLY A 48 3.38 -2.90 4.29
N PHE A 49 2.66 -4.02 4.25
CA PHE A 49 2.30 -4.65 2.98
C PHE A 49 0.83 -4.39 2.63
N PHE A 50 0.52 -4.41 1.35
CA PHE A 50 -0.84 -4.18 0.88
C PHE A 50 -1.11 -4.86 -0.47
N PRO A 51 -1.84 -5.99 -0.46
CA PRO A 51 -2.22 -6.71 -1.67
C PRO A 51 -2.83 -5.78 -2.73
N ILE A 52 -2.55 -6.07 -3.99
CA ILE A 52 -3.06 -5.28 -5.10
C ILE A 52 -4.58 -5.29 -5.16
N ASN A 53 -5.19 -6.32 -4.57
CA ASN A 53 -6.63 -6.46 -4.56
C ASN A 53 -7.29 -5.47 -3.59
N TYR A 54 -6.53 -4.49 -3.13
CA TYR A 54 -7.05 -3.48 -2.21
C TYR A 54 -6.66 -2.08 -2.65
N VAL A 55 -5.77 -1.99 -3.64
CA VAL A 55 -5.32 -0.70 -4.16
C VAL A 55 -5.18 -0.73 -5.67
N GLU A 56 -4.89 0.43 -6.24
CA GLU A 56 -4.71 0.56 -7.67
C GLU A 56 -3.46 1.37 -7.97
N VAL A 57 -2.38 0.67 -8.31
CA VAL A 57 -1.11 1.32 -8.61
C VAL A 57 -1.24 2.29 -9.78
N ILE A 58 -1.01 3.57 -9.50
CA ILE A 58 -1.09 4.61 -10.51
C ILE A 58 0.04 4.49 -11.52
N VAL A 59 1.27 4.35 -11.01
CA VAL A 59 2.44 4.23 -11.86
C VAL A 59 2.95 2.78 -11.90
N PRO A 60 2.72 2.06 -13.02
CA PRO A 60 3.17 0.68 -13.16
C PRO A 60 4.66 0.51 -12.89
N MET A 1 9.86 10.87 -14.56
CA MET A 1 10.67 10.24 -13.49
C MET A 1 9.88 10.18 -12.18
N ASP A 2 8.57 9.96 -12.30
CA ASP A 2 7.70 9.87 -11.13
C ASP A 2 7.85 8.53 -10.44
N GLN A 3 7.94 8.56 -9.11
CA GLN A 3 8.08 7.34 -8.31
C GLN A 3 6.79 6.51 -8.35
N PRO A 4 6.90 5.18 -8.19
CA PRO A 4 5.75 4.28 -8.21
C PRO A 4 4.85 4.48 -7.00
N CYS A 5 3.57 4.75 -7.25
CA CYS A 5 2.60 4.97 -6.18
C CYS A 5 1.30 4.23 -6.46
N CYS A 6 0.36 4.33 -5.53
CA CYS A 6 -0.94 3.67 -5.68
C CYS A 6 -1.98 4.29 -4.76
N ARG A 7 -3.21 3.84 -4.89
CA ARG A 7 -4.31 4.37 -4.08
C ARG A 7 -5.26 3.25 -3.63
N GLY A 8 -5.63 3.28 -2.35
CA GLY A 8 -6.53 2.27 -1.83
C GLY A 8 -7.98 2.51 -2.22
N LEU A 9 -8.62 1.47 -2.75
CA LEU A 9 -10.01 1.57 -3.17
C LEU A 9 -10.95 1.47 -1.98
N TYR A 10 -10.58 0.63 -1.02
CA TYR A 10 -11.37 0.44 0.18
C TYR A 10 -10.52 0.61 1.44
N ASP A 11 -11.15 1.08 2.51
CA ASP A 11 -10.45 1.30 3.78
C ASP A 11 -9.98 -0.01 4.38
N PHE A 12 -9.14 0.11 5.39
CA PHE A 12 -8.58 -1.06 6.08
C PHE A 12 -7.99 -0.67 7.43
N GLU A 13 -8.56 -1.24 8.49
CA GLU A 13 -8.09 -0.99 9.85
C GLU A 13 -7.05 -2.03 10.25
N PRO A 14 -5.78 -1.60 10.45
CA PRO A 14 -4.69 -2.51 10.82
C PRO A 14 -5.08 -3.46 11.95
N GLU A 15 -4.82 -4.76 11.74
CA GLU A 15 -5.14 -5.78 12.73
C GLU A 15 -3.97 -6.75 12.90
N ASN A 16 -3.19 -6.92 11.84
CA ASN A 16 -2.04 -7.81 11.85
C ASN A 16 -0.73 -7.02 11.78
N GLN A 17 0.20 -7.33 12.67
CA GLN A 17 1.48 -6.65 12.71
C GLN A 17 2.24 -6.84 11.40
N GLY A 18 2.62 -5.75 10.77
CA GLY A 18 3.35 -5.80 9.52
C GLY A 18 2.54 -5.29 8.35
N GLU A 19 1.22 -5.36 8.46
CA GLU A 19 0.33 -4.90 7.40
C GLU A 19 0.24 -3.38 7.40
N LEU A 20 -0.30 -2.82 6.32
CA LEU A 20 -0.44 -1.37 6.20
C LEU A 20 -1.91 -0.96 6.22
N GLY A 21 -2.22 0.08 6.98
CA GLY A 21 -3.59 0.56 7.08
C GLY A 21 -3.81 1.80 6.23
N PHE A 22 -5.03 1.97 5.72
CA PHE A 22 -5.36 3.12 4.89
C PHE A 22 -6.84 3.14 4.53
N LYS A 23 -7.35 4.32 4.21
CA LYS A 23 -8.74 4.49 3.84
C LYS A 23 -8.89 4.75 2.36
N GLU A 24 -10.12 4.90 1.92
CA GLU A 24 -10.43 5.18 0.53
C GLU A 24 -9.85 6.52 0.10
N GLY A 25 -9.29 6.57 -1.09
CA GLY A 25 -8.72 7.80 -1.60
C GLY A 25 -7.31 8.07 -1.08
N ASP A 26 -6.87 7.23 -0.15
CA ASP A 26 -5.53 7.40 0.44
C ASP A 26 -4.45 7.01 -0.56
N ILE A 27 -3.29 7.68 -0.46
CA ILE A 27 -2.18 7.42 -1.35
C ILE A 27 -1.02 6.77 -0.60
N ILE A 28 -0.45 5.72 -1.19
CA ILE A 28 0.67 5.00 -0.58
C ILE A 28 1.84 4.90 -1.55
N THR A 29 3.05 5.04 -1.03
CA THR A 29 4.24 4.96 -1.87
C THR A 29 4.74 3.52 -1.94
N LEU A 30 4.96 3.03 -3.17
CA LEU A 30 5.42 1.66 -3.37
C LEU A 30 6.93 1.62 -3.54
N THR A 31 7.59 0.78 -2.74
CA THR A 31 9.03 0.65 -2.81
C THR A 31 9.51 -0.59 -2.06
N ASN A 32 8.58 -1.51 -1.82
CA ASN A 32 8.88 -2.74 -1.12
C ASN A 32 7.93 -3.82 -1.60
N GLN A 33 8.05 -5.03 -1.05
CA GLN A 33 7.18 -6.13 -1.46
C GLN A 33 7.38 -7.38 -0.63
N ILE A 34 6.31 -8.15 -0.48
CA ILE A 34 6.36 -9.38 0.29
C ILE A 34 6.08 -10.60 -0.59
N ASP A 35 5.29 -10.40 -1.64
CA ASP A 35 4.96 -11.49 -2.56
C ASP A 35 4.55 -10.93 -3.91
N GLU A 36 4.41 -11.83 -4.89
CA GLU A 36 4.03 -11.44 -6.24
C GLU A 36 2.65 -10.77 -6.25
N ASN A 37 1.82 -11.11 -5.27
CA ASN A 37 0.48 -10.56 -5.16
C ASN A 37 0.42 -9.45 -4.13
N TRP A 38 1.14 -9.63 -3.03
CA TRP A 38 1.16 -8.62 -1.96
C TRP A 38 2.37 -7.71 -2.10
N TYR A 39 2.12 -6.41 -2.15
CA TYR A 39 3.21 -5.43 -2.27
C TYR A 39 3.42 -4.72 -0.96
N GLU A 40 4.49 -3.93 -0.87
CA GLU A 40 4.77 -3.22 0.36
C GLU A 40 5.26 -1.80 0.09
N GLY A 41 4.75 -0.88 0.90
CA GLY A 41 5.12 0.52 0.77
C GLY A 41 5.06 1.23 2.10
N MET A 42 5.30 2.54 2.09
CA MET A 42 5.27 3.32 3.31
C MET A 42 4.49 4.62 3.15
N ILE A 43 4.08 5.17 4.28
CA ILE A 43 3.34 6.42 4.32
C ILE A 43 3.53 7.08 5.68
N HIS A 44 3.66 8.40 5.68
CA HIS A 44 3.86 9.17 6.91
C HIS A 44 5.19 8.79 7.57
N GLY A 45 5.21 7.66 8.27
CA GLY A 45 6.44 7.23 8.92
C GLY A 45 6.45 5.74 9.24
N GLU A 46 5.78 4.95 8.42
CA GLU A 46 5.73 3.50 8.62
C GLU A 46 5.36 2.75 7.35
N SER A 47 5.88 1.54 7.21
CA SER A 47 5.63 0.71 6.04
C SER A 47 4.74 -0.48 6.38
N GLY A 48 4.28 -1.18 5.34
CA GLY A 48 3.42 -2.34 5.54
C GLY A 48 3.08 -3.03 4.23
N PHE A 49 2.56 -4.25 4.31
CA PHE A 49 2.22 -5.00 3.10
C PHE A 49 0.72 -4.89 2.79
N PHE A 50 0.38 -5.12 1.52
CA PHE A 50 -1.01 -5.05 1.08
C PHE A 50 -1.16 -5.45 -0.40
N PRO A 51 -1.80 -6.60 -0.68
CA PRO A 51 -2.04 -7.06 -2.04
C PRO A 51 -2.70 -5.99 -2.91
N ILE A 52 -2.53 -6.12 -4.22
CA ILE A 52 -3.10 -5.17 -5.17
C ILE A 52 -4.62 -5.12 -5.08
N ASN A 53 -5.20 -6.17 -4.47
CA ASN A 53 -6.65 -6.26 -4.32
C ASN A 53 -7.20 -5.17 -3.41
N TYR A 54 -6.32 -4.38 -2.81
CA TYR A 54 -6.75 -3.31 -1.91
C TYR A 54 -6.35 -1.93 -2.42
N VAL A 55 -5.55 -1.88 -3.48
CA VAL A 55 -5.11 -0.60 -4.04
C VAL A 55 -5.04 -0.63 -5.55
N GLU A 56 -4.72 0.52 -6.14
CA GLU A 56 -4.60 0.65 -7.58
C GLU A 56 -3.32 1.42 -7.93
N VAL A 57 -2.30 0.69 -8.35
CA VAL A 57 -1.02 1.28 -8.70
C VAL A 57 -1.19 2.31 -9.83
N ILE A 58 -0.94 3.58 -9.52
CA ILE A 58 -1.05 4.65 -10.50
C ILE A 58 0.01 4.50 -11.59
N VAL A 59 1.22 4.14 -11.18
CA VAL A 59 2.32 3.96 -12.12
C VAL A 59 3.22 2.80 -11.70
N PRO A 60 3.42 1.80 -12.57
CA PRO A 60 4.28 0.65 -12.26
C PRO A 60 5.76 1.02 -12.16
N MET A 1 9.01 13.34 -12.38
CA MET A 1 8.59 12.33 -11.37
C MET A 1 8.46 10.94 -11.99
N ASP A 2 9.16 9.97 -11.41
CA ASP A 2 9.12 8.60 -11.90
C ASP A 2 9.07 7.61 -10.75
N GLN A 3 8.29 7.94 -9.72
CA GLN A 3 8.15 7.09 -8.55
C GLN A 3 6.82 6.33 -8.58
N PRO A 4 6.84 4.99 -8.37
CA PRO A 4 5.62 4.18 -8.37
C PRO A 4 4.76 4.42 -7.13
N CYS A 5 3.48 4.70 -7.36
CA CYS A 5 2.56 4.95 -6.25
C CYS A 5 1.20 4.35 -6.55
N CYS A 6 0.48 3.97 -5.49
CA CYS A 6 -0.84 3.38 -5.63
C CYS A 6 -1.85 4.05 -4.70
N ARG A 7 -3.10 3.66 -4.82
CA ARG A 7 -4.17 4.21 -4.00
C ARG A 7 -5.18 3.14 -3.61
N GLY A 8 -5.59 3.15 -2.35
CA GLY A 8 -6.55 2.17 -1.87
C GLY A 8 -7.98 2.48 -2.29
N LEU A 9 -8.70 1.46 -2.71
CA LEU A 9 -10.08 1.61 -3.15
C LEU A 9 -11.05 1.39 -1.98
N TYR A 10 -10.67 0.49 -1.08
CA TYR A 10 -11.49 0.18 0.08
C TYR A 10 -10.69 0.36 1.37
N ASP A 11 -11.36 0.79 2.42
CA ASP A 11 -10.71 1.01 3.71
C ASP A 11 -10.48 -0.30 4.45
N PHE A 12 -9.58 -0.24 5.42
CA PHE A 12 -9.24 -1.41 6.22
C PHE A 12 -8.46 -1.00 7.47
N GLU A 13 -8.88 -1.55 8.60
CA GLU A 13 -8.22 -1.30 9.87
C GLU A 13 -7.58 -2.60 10.37
N PRO A 14 -6.34 -2.88 9.93
CA PRO A 14 -5.63 -4.11 10.33
C PRO A 14 -5.30 -4.14 11.81
N GLU A 15 -5.55 -5.28 12.44
CA GLU A 15 -5.27 -5.46 13.86
C GLU A 15 -4.00 -6.28 14.07
N ASN A 16 -3.30 -6.55 12.97
CA ASN A 16 -2.07 -7.33 13.02
C ASN A 16 -0.89 -6.48 12.56
N GLN A 17 0.21 -6.55 13.32
CA GLN A 17 1.41 -5.78 13.00
C GLN A 17 2.03 -6.26 11.69
N GLY A 18 2.51 -5.32 10.90
CA GLY A 18 3.13 -5.66 9.62
C GLY A 18 2.30 -5.21 8.44
N GLU A 19 1.00 -5.09 8.64
CA GLU A 19 0.09 -4.67 7.58
C GLU A 19 -0.04 -3.16 7.55
N LEU A 20 -0.51 -2.64 6.42
CA LEU A 20 -0.70 -1.20 6.26
C LEU A 20 -2.16 -0.82 6.48
N GLY A 21 -2.41 0.08 7.44
CA GLY A 21 -3.77 0.49 7.72
C GLY A 21 -4.10 1.87 7.17
N PHE A 22 -5.27 1.98 6.54
CA PHE A 22 -5.70 3.26 5.96
C PHE A 22 -7.11 3.13 5.40
N LYS A 23 -7.54 4.16 4.68
CA LYS A 23 -8.88 4.16 4.08
C LYS A 23 -8.84 4.56 2.62
N GLU A 24 -9.99 4.46 1.97
CA GLU A 24 -10.11 4.82 0.56
C GLU A 24 -9.52 6.20 0.30
N GLY A 25 -8.98 6.39 -0.90
CA GLY A 25 -8.40 7.67 -1.26
C GLY A 25 -6.98 7.84 -0.74
N ASP A 26 -6.50 6.85 0.00
CA ASP A 26 -5.14 6.91 0.56
C ASP A 26 -4.09 6.68 -0.52
N ILE A 27 -2.95 7.36 -0.38
CA ILE A 27 -1.86 7.22 -1.34
C ILE A 27 -0.60 6.71 -0.64
N ILE A 28 -0.07 5.59 -1.10
CA ILE A 28 1.13 5.01 -0.50
C ILE A 28 2.26 4.89 -1.51
N THR A 29 3.49 5.13 -1.06
CA THR A 29 4.66 5.03 -1.94
C THR A 29 5.15 3.59 -1.96
N LEU A 30 5.36 3.06 -3.17
CA LEU A 30 5.82 1.69 -3.32
C LEU A 30 7.33 1.62 -3.50
N THR A 31 7.95 0.73 -2.75
CA THR A 31 9.39 0.53 -2.81
C THR A 31 9.80 -0.75 -2.10
N ASN A 32 8.82 -1.62 -1.88
CA ASN A 32 9.03 -2.90 -1.22
C ASN A 32 7.99 -3.88 -1.72
N GLN A 33 8.08 -5.14 -1.29
CA GLN A 33 7.12 -6.15 -1.73
C GLN A 33 7.30 -7.48 -1.04
N ILE A 34 6.19 -8.20 -0.90
CA ILE A 34 6.19 -9.51 -0.27
C ILE A 34 6.08 -10.61 -1.32
N ASP A 35 5.27 -10.35 -2.35
CA ASP A 35 5.07 -11.31 -3.43
C ASP A 35 4.36 -10.65 -4.61
N GLU A 36 4.18 -11.39 -5.69
CA GLU A 36 3.51 -10.87 -6.87
C GLU A 36 2.07 -10.46 -6.54
N ASN A 37 1.61 -10.83 -5.35
CA ASN A 37 0.26 -10.51 -4.92
C ASN A 37 0.26 -9.33 -3.95
N TRP A 38 1.03 -9.45 -2.87
CA TRP A 38 1.09 -8.40 -1.86
C TRP A 38 2.30 -7.49 -2.10
N TYR A 39 2.07 -6.18 -2.01
CA TYR A 39 3.14 -5.20 -2.20
C TYR A 39 3.47 -4.52 -0.88
N GLU A 40 4.58 -3.78 -0.86
CA GLU A 40 4.98 -3.10 0.36
C GLU A 40 5.48 -1.68 0.10
N GLY A 41 5.13 -0.78 1.01
CA GLY A 41 5.53 0.60 0.89
C GLY A 41 5.32 1.36 2.19
N MET A 42 5.53 2.67 2.17
CA MET A 42 5.35 3.47 3.38
C MET A 42 4.76 4.83 3.05
N ILE A 43 4.20 5.47 4.08
CA ILE A 43 3.61 6.78 3.95
C ILE A 43 3.78 7.58 5.25
N HIS A 44 4.21 8.83 5.12
CA HIS A 44 4.44 9.71 6.26
C HIS A 44 5.58 9.18 7.13
N GLY A 45 5.30 8.17 7.95
CA GLY A 45 6.32 7.60 8.80
C GLY A 45 6.01 6.18 9.22
N GLU A 46 5.30 5.44 8.37
CA GLU A 46 4.95 4.06 8.67
C GLU A 46 4.85 3.23 7.39
N SER A 47 5.29 1.97 7.48
CA SER A 47 5.25 1.07 6.34
C SER A 47 4.34 -0.14 6.59
N GLY A 48 4.08 -0.91 5.54
CA GLY A 48 3.24 -2.08 5.66
C GLY A 48 2.94 -2.70 4.32
N PHE A 49 2.41 -3.93 4.32
CA PHE A 49 2.10 -4.61 3.06
C PHE A 49 0.60 -4.51 2.75
N PHE A 50 0.26 -4.71 1.47
CA PHE A 50 -1.11 -4.64 1.02
C PHE A 50 -1.24 -5.11 -0.43
N PRO A 51 -1.89 -6.27 -0.66
CA PRO A 51 -2.08 -6.81 -2.02
C PRO A 51 -2.83 -5.83 -2.93
N ILE A 52 -2.65 -6.02 -4.24
CA ILE A 52 -3.28 -5.17 -5.24
C ILE A 52 -4.80 -5.25 -5.15
N ASN A 53 -5.30 -6.30 -4.51
CA ASN A 53 -6.74 -6.51 -4.36
C ASN A 53 -7.38 -5.45 -3.46
N TYR A 54 -6.59 -4.47 -3.03
CA TYR A 54 -7.11 -3.41 -2.16
C TYR A 54 -6.63 -2.03 -2.60
N VAL A 55 -5.74 -2.00 -3.59
CA VAL A 55 -5.21 -0.74 -4.10
C VAL A 55 -5.13 -0.74 -5.61
N GLU A 56 -4.74 0.40 -6.17
CA GLU A 56 -4.61 0.56 -7.61
C GLU A 56 -3.30 1.28 -7.93
N VAL A 57 -2.31 0.53 -8.37
CA VAL A 57 -1.01 1.09 -8.71
C VAL A 57 -1.12 2.01 -9.92
N ILE A 58 -1.15 3.32 -9.68
CA ILE A 58 -1.25 4.30 -10.75
C ILE A 58 -0.05 4.22 -11.68
N VAL A 59 1.12 3.93 -11.11
CA VAL A 59 2.35 3.84 -11.89
C VAL A 59 3.04 2.49 -11.66
N PRO A 60 2.83 1.52 -12.57
CA PRO A 60 3.45 0.19 -12.45
C PRO A 60 4.96 0.26 -12.37
N MET A 1 11.53 7.66 -12.37
CA MET A 1 12.33 8.18 -11.24
C MET A 1 11.50 9.08 -10.33
N ASP A 2 10.19 9.02 -10.49
CA ASP A 2 9.28 9.82 -9.68
C ASP A 2 8.69 8.99 -8.54
N GLN A 3 9.29 7.83 -8.30
CA GLN A 3 8.84 6.93 -7.24
C GLN A 3 7.40 6.46 -7.47
N PRO A 4 7.21 5.22 -7.97
CA PRO A 4 5.87 4.67 -8.22
C PRO A 4 4.97 4.76 -7.00
N CYS A 5 3.72 5.17 -7.21
CA CYS A 5 2.76 5.30 -6.12
C CYS A 5 1.47 4.56 -6.43
N CYS A 6 0.56 4.54 -5.47
CA CYS A 6 -0.72 3.87 -5.63
C CYS A 6 -1.78 4.47 -4.70
N ARG A 7 -3.01 4.01 -4.84
CA ARG A 7 -4.11 4.52 -4.03
C ARG A 7 -5.06 3.41 -3.63
N GLY A 8 -5.60 3.50 -2.42
CA GLY A 8 -6.53 2.50 -1.93
C GLY A 8 -7.92 2.65 -2.50
N LEU A 9 -8.52 1.53 -2.92
CA LEU A 9 -9.86 1.55 -3.49
C LEU A 9 -10.91 1.41 -2.39
N TYR A 10 -10.58 0.61 -1.38
CA TYR A 10 -11.49 0.38 -0.26
C TYR A 10 -10.70 0.31 1.04
N ASP A 11 -11.31 0.78 2.13
CA ASP A 11 -10.66 0.78 3.43
C ASP A 11 -10.27 -0.63 3.85
N PHE A 12 -9.33 -0.69 4.78
CA PHE A 12 -8.82 -1.95 5.28
C PHE A 12 -8.14 -1.78 6.62
N GLU A 13 -8.57 -2.56 7.61
CA GLU A 13 -7.98 -2.53 8.93
C GLU A 13 -6.97 -3.67 9.08
N PRO A 14 -5.77 -3.37 9.61
CA PRO A 14 -4.73 -4.39 9.77
C PRO A 14 -5.02 -5.35 10.92
N GLU A 15 -4.86 -6.65 10.66
CA GLU A 15 -5.10 -7.67 11.68
C GLU A 15 -3.88 -7.84 12.58
N ASN A 16 -2.70 -7.77 11.98
CA ASN A 16 -1.45 -7.92 12.72
C ASN A 16 -0.47 -6.81 12.36
N GLN A 17 0.65 -6.76 13.08
CA GLN A 17 1.67 -5.74 12.82
C GLN A 17 2.44 -6.05 11.54
N GLY A 18 2.81 -4.99 10.82
CA GLY A 18 3.55 -5.17 9.58
C GLY A 18 2.74 -4.78 8.36
N GLU A 19 1.42 -4.90 8.47
CA GLU A 19 0.53 -4.57 7.36
C GLU A 19 0.22 -3.07 7.35
N LEU A 20 -0.43 -2.61 6.29
CA LEU A 20 -0.78 -1.20 6.17
C LEU A 20 -2.29 -1.00 6.29
N GLY A 21 -2.69 -0.17 7.26
CA GLY A 21 -4.10 0.08 7.47
C GLY A 21 -4.49 1.52 7.15
N PHE A 22 -5.48 1.67 6.27
CA PHE A 22 -5.94 3.00 5.85
C PHE A 22 -7.31 2.89 5.18
N LYS A 23 -7.75 3.99 4.56
CA LYS A 23 -9.04 4.01 3.87
C LYS A 23 -8.91 4.45 2.42
N GLU A 24 -10.02 4.35 1.70
CA GLU A 24 -10.07 4.73 0.30
C GLU A 24 -9.61 6.17 0.11
N GLY A 25 -9.02 6.44 -1.05
CA GLY A 25 -8.53 7.76 -1.35
C GLY A 25 -7.16 8.04 -0.77
N ASP A 26 -6.66 7.10 0.03
CA ASP A 26 -5.35 7.26 0.65
C ASP A 26 -4.23 6.92 -0.33
N ILE A 27 -3.24 7.79 -0.41
CA ILE A 27 -2.11 7.58 -1.32
C ILE A 27 -0.90 7.01 -0.58
N ILE A 28 -0.37 5.92 -1.12
CA ILE A 28 0.80 5.26 -0.52
C ILE A 28 1.89 5.05 -1.56
N THR A 29 3.15 5.20 -1.16
CA THR A 29 4.27 5.01 -2.07
C THR A 29 4.73 3.56 -2.05
N LEU A 30 4.97 2.99 -3.23
CA LEU A 30 5.40 1.61 -3.35
C LEU A 30 6.92 1.53 -3.46
N THR A 31 7.53 0.63 -2.69
CA THR A 31 8.97 0.48 -2.72
C THR A 31 9.40 -0.80 -2.01
N ASN A 32 8.45 -1.70 -1.81
CA ASN A 32 8.70 -2.97 -1.15
C ASN A 32 7.73 -3.99 -1.67
N GLN A 33 7.92 -5.26 -1.33
CA GLN A 33 7.02 -6.30 -1.81
C GLN A 33 7.34 -7.66 -1.23
N ILE A 34 6.30 -8.48 -1.08
CA ILE A 34 6.45 -9.82 -0.55
C ILE A 34 6.32 -10.85 -1.65
N ASP A 35 5.50 -10.55 -2.64
CA ASP A 35 5.28 -11.44 -3.77
C ASP A 35 4.54 -10.73 -4.90
N GLU A 36 4.11 -11.49 -5.90
CA GLU A 36 3.39 -10.92 -7.03
C GLU A 36 1.97 -10.53 -6.64
N ASN A 37 1.52 -11.01 -5.49
CA ASN A 37 0.17 -10.70 -5.02
C ASN A 37 0.18 -9.61 -3.96
N TRP A 38 0.96 -9.82 -2.90
CA TRP A 38 1.03 -8.84 -1.82
C TRP A 38 2.21 -7.89 -2.00
N TYR A 39 1.93 -6.58 -1.98
CA TYR A 39 2.97 -5.58 -2.15
C TYR A 39 3.24 -4.86 -0.84
N GLU A 40 4.22 -3.98 -0.83
CA GLU A 40 4.56 -3.24 0.38
C GLU A 40 5.15 -1.86 0.07
N GLY A 41 4.80 -0.89 0.91
CA GLY A 41 5.29 0.46 0.74
C GLY A 41 5.20 1.26 2.03
N MET A 42 5.45 2.56 1.95
CA MET A 42 5.40 3.41 3.14
C MET A 42 4.83 4.78 2.81
N ILE A 43 4.42 5.48 3.86
CA ILE A 43 3.87 6.83 3.72
C ILE A 43 4.29 7.69 4.90
N HIS A 44 4.87 8.85 4.61
CA HIS A 44 5.33 9.77 5.64
C HIS A 44 6.45 9.16 6.47
N GLY A 45 6.10 8.26 7.38
CA GLY A 45 7.11 7.63 8.22
C GLY A 45 6.67 6.27 8.73
N GLU A 46 5.86 5.56 7.95
CA GLU A 46 5.38 4.25 8.34
C GLU A 46 5.17 3.34 7.13
N SER A 47 5.63 2.10 7.23
CA SER A 47 5.51 1.15 6.14
C SER A 47 4.44 0.09 6.43
N GLY A 48 4.11 -0.70 5.41
CA GLY A 48 3.12 -1.75 5.56
C GLY A 48 2.86 -2.47 4.26
N PHE A 49 2.49 -3.75 4.35
CA PHE A 49 2.22 -4.53 3.14
C PHE A 49 0.74 -4.92 3.05
N PHE A 50 0.32 -5.26 1.84
CA PHE A 50 -1.05 -5.66 1.58
C PHE A 50 -1.28 -5.94 0.09
N PRO A 51 -1.93 -7.08 -0.24
CA PRO A 51 -2.24 -7.45 -1.63
C PRO A 51 -2.85 -6.31 -2.43
N ILE A 52 -2.78 -6.43 -3.76
CA ILE A 52 -3.30 -5.43 -4.67
C ILE A 52 -4.79 -5.18 -4.43
N ASN A 53 -5.47 -6.13 -3.79
CA ASN A 53 -6.89 -6.00 -3.51
C ASN A 53 -7.17 -4.88 -2.53
N TYR A 54 -6.13 -4.10 -2.21
CA TYR A 54 -6.26 -2.99 -1.28
C TYR A 54 -5.98 -1.65 -1.97
N VAL A 55 -5.10 -1.68 -2.97
CA VAL A 55 -4.75 -0.46 -3.70
C VAL A 55 -4.58 -0.72 -5.19
N GLU A 56 -4.35 0.36 -5.93
CA GLU A 56 -4.15 0.28 -7.36
C GLU A 56 -3.03 1.23 -7.78
N VAL A 57 -1.92 0.67 -8.24
CA VAL A 57 -0.77 1.46 -8.66
C VAL A 57 -1.18 2.51 -9.70
N ILE A 58 -0.94 3.78 -9.37
CA ILE A 58 -1.28 4.88 -10.27
C ILE A 58 -0.21 5.06 -11.33
N VAL A 59 1.06 5.07 -10.91
CA VAL A 59 2.17 5.24 -11.82
C VAL A 59 3.20 4.12 -11.66
N PRO A 60 3.34 3.23 -12.66
CA PRO A 60 4.27 2.12 -12.62
C PRO A 60 5.69 2.53 -13.00
N MET A 1 13.00 11.26 -4.91
CA MET A 1 11.54 11.23 -4.58
C MET A 1 10.90 9.97 -5.14
N ASP A 2 10.08 9.32 -4.31
CA ASP A 2 9.39 8.10 -4.72
C ASP A 2 8.34 8.39 -5.78
N GLN A 3 8.52 7.81 -6.97
CA GLN A 3 7.59 8.01 -8.07
C GLN A 3 6.45 6.98 -8.04
N PRO A 4 6.76 5.67 -7.90
CA PRO A 4 5.74 4.63 -7.86
C PRO A 4 4.76 4.82 -6.71
N CYS A 5 3.47 4.89 -7.02
CA CYS A 5 2.44 5.08 -6.02
C CYS A 5 1.13 4.39 -6.41
N CYS A 6 0.21 4.32 -5.45
CA CYS A 6 -1.09 3.69 -5.69
C CYS A 6 -2.16 4.33 -4.82
N ARG A 7 -3.40 3.90 -5.02
CA ARG A 7 -4.53 4.45 -4.27
C ARG A 7 -5.50 3.34 -3.87
N GLY A 8 -5.72 3.20 -2.57
CA GLY A 8 -6.64 2.18 -2.09
C GLY A 8 -8.09 2.50 -2.40
N LEU A 9 -8.82 1.49 -2.87
CA LEU A 9 -10.23 1.67 -3.21
C LEU A 9 -11.11 1.53 -1.97
N TYR A 10 -10.66 0.70 -1.03
CA TYR A 10 -11.40 0.46 0.20
C TYR A 10 -10.51 0.72 1.42
N ASP A 11 -11.14 1.08 2.54
CA ASP A 11 -10.42 1.35 3.76
C ASP A 11 -10.24 0.07 4.56
N PHE A 12 -9.14 -0.02 5.29
CA PHE A 12 -8.84 -1.20 6.10
C PHE A 12 -8.04 -0.84 7.34
N GLU A 13 -8.46 -1.37 8.48
CA GLU A 13 -7.79 -1.12 9.74
C GLU A 13 -6.79 -2.24 10.02
N PRO A 14 -5.53 -1.90 10.39
CA PRO A 14 -4.50 -2.90 10.66
C PRO A 14 -4.97 -3.98 11.63
N GLU A 15 -4.77 -5.23 11.25
CA GLU A 15 -5.19 -6.35 12.09
C GLU A 15 -3.99 -7.24 12.42
N ASN A 16 -3.06 -7.36 11.48
CA ASN A 16 -1.88 -8.19 11.67
C ASN A 16 -0.62 -7.34 11.79
N GLN A 17 0.42 -7.90 12.37
CA GLN A 17 1.69 -7.19 12.54
C GLN A 17 2.48 -7.17 11.23
N GLY A 18 2.82 -5.96 10.79
CA GLY A 18 3.58 -5.81 9.56
C GLY A 18 2.73 -5.28 8.41
N GLU A 19 1.42 -5.43 8.54
CA GLU A 19 0.50 -4.96 7.51
C GLU A 19 0.39 -3.44 7.54
N LEU A 20 -0.16 -2.88 6.47
CA LEU A 20 -0.32 -1.42 6.37
C LEU A 20 -1.79 -1.03 6.39
N GLY A 21 -2.10 -0.01 7.18
CA GLY A 21 -3.47 0.46 7.28
C GLY A 21 -3.69 1.75 6.51
N PHE A 22 -4.89 1.94 5.98
CA PHE A 22 -5.21 3.15 5.22
C PHE A 22 -6.70 3.23 4.92
N LYS A 23 -7.08 4.21 4.10
CA LYS A 23 -8.47 4.41 3.73
C LYS A 23 -8.63 4.61 2.23
N GLU A 24 -9.87 4.82 1.82
CA GLU A 24 -10.18 5.06 0.41
C GLU A 24 -9.57 6.37 -0.04
N GLY A 25 -9.02 6.37 -1.25
CA GLY A 25 -8.41 7.57 -1.78
C GLY A 25 -7.00 7.79 -1.27
N ASP A 26 -6.67 7.12 -0.16
CA ASP A 26 -5.34 7.25 0.43
C ASP A 26 -4.27 6.77 -0.54
N ILE A 27 -3.28 7.62 -0.78
CA ILE A 27 -2.19 7.29 -1.68
C ILE A 27 -1.00 6.71 -0.92
N ILE A 28 -0.54 5.53 -1.35
CA ILE A 28 0.58 4.86 -0.71
C ILE A 28 1.78 4.79 -1.63
N THR A 29 2.98 4.93 -1.06
CA THR A 29 4.22 4.86 -1.85
C THR A 29 4.75 3.43 -1.87
N LEU A 30 5.01 2.92 -3.07
CA LEU A 30 5.52 1.57 -3.23
C LEU A 30 7.04 1.56 -3.36
N THR A 31 7.69 0.67 -2.63
CA THR A 31 9.14 0.55 -2.67
C THR A 31 9.63 -0.72 -2.01
N ASN A 32 8.71 -1.63 -1.75
CA ASN A 32 9.01 -2.91 -1.12
C ASN A 32 8.02 -3.93 -1.59
N GLN A 33 8.14 -5.17 -1.12
CA GLN A 33 7.22 -6.22 -1.54
C GLN A 33 7.44 -7.53 -0.82
N ILE A 34 6.35 -8.28 -0.66
CA ILE A 34 6.39 -9.56 0.01
C ILE A 34 6.18 -10.71 -0.98
N ASP A 35 5.38 -10.45 -2.01
CA ASP A 35 5.10 -11.44 -3.03
C ASP A 35 4.41 -10.81 -4.23
N GLU A 36 4.33 -11.55 -5.32
CA GLU A 36 3.67 -11.06 -6.54
C GLU A 36 2.20 -10.77 -6.29
N ASN A 37 1.71 -11.16 -5.11
CA ASN A 37 0.32 -10.96 -4.74
C ASN A 37 0.17 -9.69 -3.90
N TRP A 38 0.95 -9.60 -2.83
CA TRP A 38 0.88 -8.44 -1.95
C TRP A 38 2.20 -7.67 -1.96
N TYR A 39 2.10 -6.35 -2.06
CA TYR A 39 3.28 -5.48 -2.11
C TYR A 39 3.55 -4.84 -0.76
N GLU A 40 4.57 -4.00 -0.72
CA GLU A 40 4.93 -3.33 0.52
C GLU A 40 5.44 -1.91 0.26
N GLY A 41 4.99 -0.98 1.08
CA GLY A 41 5.40 0.40 0.96
C GLY A 41 5.25 1.16 2.26
N MET A 42 5.23 2.48 2.19
CA MET A 42 5.10 3.30 3.39
C MET A 42 4.26 4.54 3.13
N ILE A 43 3.68 5.06 4.20
CA ILE A 43 2.84 6.26 4.12
C ILE A 43 3.02 7.10 5.39
N HIS A 44 3.22 8.41 5.19
CA HIS A 44 3.40 9.34 6.31
C HIS A 44 4.69 9.03 7.07
N GLY A 45 4.66 7.99 7.90
CA GLY A 45 5.84 7.63 8.67
C GLY A 45 5.83 6.19 9.12
N GLU A 46 5.23 5.31 8.32
CA GLU A 46 5.17 3.89 8.65
C GLU A 46 5.05 3.03 7.40
N SER A 47 5.68 1.86 7.45
CA SER A 47 5.66 0.93 6.32
C SER A 47 4.78 -0.27 6.60
N GLY A 48 4.51 -1.05 5.56
CA GLY A 48 3.67 -2.22 5.69
C GLY A 48 3.36 -2.86 4.34
N PHE A 49 2.77 -4.05 4.37
CA PHE A 49 2.43 -4.75 3.13
C PHE A 49 0.92 -4.83 2.94
N PHE A 50 0.49 -5.02 1.69
CA PHE A 50 -0.93 -5.12 1.37
C PHE A 50 -1.17 -5.52 -0.09
N PRO A 51 -1.89 -6.63 -0.33
CA PRO A 51 -2.24 -7.09 -1.68
C PRO A 51 -2.72 -5.97 -2.60
N ILE A 52 -2.27 -6.02 -3.85
CA ILE A 52 -2.63 -5.02 -4.84
C ILE A 52 -4.13 -5.04 -5.15
N ASN A 53 -4.79 -6.14 -4.79
CA ASN A 53 -6.21 -6.31 -5.03
C ASN A 53 -7.05 -5.27 -4.28
N TYR A 54 -6.42 -4.48 -3.43
CA TYR A 54 -7.15 -3.48 -2.65
C TYR A 54 -6.69 -2.05 -2.98
N VAL A 55 -5.93 -1.89 -4.06
CA VAL A 55 -5.46 -0.58 -4.47
C VAL A 55 -5.39 -0.45 -5.98
N GLU A 56 -5.06 0.75 -6.44
CA GLU A 56 -4.94 1.02 -7.87
C GLU A 56 -3.65 1.79 -8.14
N VAL A 57 -2.60 1.06 -8.52
CA VAL A 57 -1.31 1.67 -8.81
C VAL A 57 -1.44 2.76 -9.86
N ILE A 58 -1.10 3.99 -9.47
CA ILE A 58 -1.18 5.13 -10.38
C ILE A 58 -0.05 5.09 -11.41
N VAL A 59 1.12 4.62 -10.98
CA VAL A 59 2.27 4.51 -11.86
C VAL A 59 3.19 3.37 -11.43
N PRO A 60 3.61 2.51 -12.38
CA PRO A 60 4.49 1.38 -12.07
C PRO A 60 5.91 1.82 -11.73
N MET A 1 13.10 6.73 -8.23
CA MET A 1 13.11 6.20 -6.84
C MET A 1 12.00 6.83 -6.01
N ASP A 2 11.30 6.00 -5.24
CA ASP A 2 10.21 6.46 -4.39
C ASP A 2 9.15 7.19 -5.21
N GLN A 3 9.06 6.85 -6.49
CA GLN A 3 8.09 7.47 -7.39
C GLN A 3 6.81 6.63 -7.49
N PRO A 4 6.93 5.31 -7.76
CA PRO A 4 5.76 4.43 -7.89
C PRO A 4 4.86 4.50 -6.67
N CYS A 5 3.56 4.63 -6.89
CA CYS A 5 2.59 4.71 -5.81
C CYS A 5 1.28 4.02 -6.18
N CYS A 6 0.33 4.03 -5.26
CA CYS A 6 -0.97 3.42 -5.48
C CYS A 6 -2.02 4.04 -4.58
N ARG A 7 -3.28 3.66 -4.78
CA ARG A 7 -4.37 4.20 -3.98
C ARG A 7 -5.42 3.14 -3.66
N GLY A 8 -5.83 3.08 -2.39
CA GLY A 8 -6.81 2.10 -1.96
C GLY A 8 -8.21 2.43 -2.45
N LEU A 9 -8.93 1.41 -2.91
CA LEU A 9 -10.28 1.58 -3.40
C LEU A 9 -11.29 1.47 -2.26
N TYR A 10 -10.93 0.70 -1.25
CA TYR A 10 -11.78 0.50 -0.08
C TYR A 10 -10.98 0.57 1.20
N ASP A 11 -11.59 1.07 2.26
CA ASP A 11 -10.93 1.20 3.55
C ASP A 11 -10.65 -0.16 4.17
N PHE A 12 -9.71 -0.17 5.10
CA PHE A 12 -9.32 -1.39 5.80
C PHE A 12 -8.54 -1.06 7.06
N GLU A 13 -9.06 -1.49 8.20
CA GLU A 13 -8.40 -1.25 9.48
C GLU A 13 -7.31 -2.30 9.70
N PRO A 14 -6.11 -1.89 10.15
CA PRO A 14 -5.00 -2.82 10.38
C PRO A 14 -5.25 -3.75 11.57
N GLU A 15 -4.89 -5.02 11.39
CA GLU A 15 -5.08 -6.01 12.44
C GLU A 15 -3.77 -6.73 12.75
N ASN A 16 -3.04 -7.13 11.72
CA ASN A 16 -1.78 -7.84 11.89
C ASN A 16 -0.61 -6.85 11.93
N GLN A 17 0.46 -7.26 12.61
CA GLN A 17 1.65 -6.42 12.73
C GLN A 17 2.47 -6.45 11.46
N GLY A 18 2.75 -5.27 10.91
CA GLY A 18 3.54 -5.19 9.68
C GLY A 18 2.70 -4.82 8.47
N GLU A 19 1.40 -4.69 8.67
CA GLU A 19 0.50 -4.35 7.57
C GLU A 19 0.24 -2.85 7.54
N LEU A 20 -0.33 -2.37 6.44
CA LEU A 20 -0.64 -0.96 6.28
C LEU A 20 -2.15 -0.71 6.37
N GLY A 21 -2.55 0.09 7.36
CA GLY A 21 -3.95 0.39 7.55
C GLY A 21 -4.31 1.79 7.11
N PHE A 22 -5.42 1.93 6.38
CA PHE A 22 -5.87 3.23 5.91
C PHE A 22 -7.23 3.11 5.22
N LYS A 23 -7.68 4.22 4.62
CA LYS A 23 -8.96 4.23 3.93
C LYS A 23 -8.82 4.60 2.46
N GLU A 24 -9.94 4.53 1.75
CA GLU A 24 -9.98 4.87 0.33
C GLU A 24 -9.45 6.27 0.08
N GLY A 25 -8.85 6.46 -1.09
CA GLY A 25 -8.30 7.76 -1.44
C GLY A 25 -6.89 7.95 -0.92
N ASP A 26 -6.46 7.05 -0.06
CA ASP A 26 -5.10 7.13 0.50
C ASP A 26 -4.08 6.65 -0.51
N ILE A 27 -3.07 7.49 -0.77
CA ILE A 27 -2.02 7.16 -1.72
C ILE A 27 -0.76 6.67 -1.02
N ILE A 28 -0.49 5.38 -1.11
CA ILE A 28 0.69 4.79 -0.49
C ILE A 28 1.84 4.67 -1.48
N THR A 29 3.05 4.95 -1.01
CA THR A 29 4.24 4.88 -1.86
C THR A 29 4.86 3.48 -1.78
N LEU A 30 4.93 2.80 -2.92
CA LEU A 30 5.49 1.46 -2.95
C LEU A 30 6.97 1.45 -3.32
N THR A 31 7.70 0.55 -2.69
CA THR A 31 9.12 0.40 -2.94
C THR A 31 9.65 -0.89 -2.31
N ASN A 32 8.72 -1.78 -1.98
CA ASN A 32 9.02 -3.06 -1.38
C ASN A 32 7.97 -4.06 -1.82
N GLN A 33 8.13 -5.32 -1.42
CA GLN A 33 7.16 -6.35 -1.81
C GLN A 33 7.44 -7.69 -1.17
N ILE A 34 6.37 -8.45 -0.94
CA ILE A 34 6.49 -9.77 -0.35
C ILE A 34 6.18 -10.85 -1.38
N ASP A 35 5.35 -10.50 -2.35
CA ASP A 35 4.96 -11.42 -3.41
C ASP A 35 4.35 -10.66 -4.59
N GLU A 36 4.21 -11.34 -5.72
CA GLU A 36 3.62 -10.73 -6.90
C GLU A 36 2.20 -10.24 -6.63
N ASN A 37 1.64 -10.64 -5.49
CA ASN A 37 0.29 -10.26 -5.11
C ASN A 37 0.32 -9.18 -4.03
N TRP A 38 0.97 -9.49 -2.90
CA TRP A 38 1.06 -8.55 -1.80
C TRP A 38 2.28 -7.64 -1.96
N TYR A 39 2.04 -6.32 -1.92
CA TYR A 39 3.13 -5.35 -2.08
C TYR A 39 3.52 -4.77 -0.73
N GLU A 40 4.52 -3.91 -0.75
CA GLU A 40 4.97 -3.27 0.49
C GLU A 40 5.56 -1.89 0.23
N GLY A 41 5.24 -0.96 1.13
CA GLY A 41 5.75 0.39 1.01
C GLY A 41 5.54 1.18 2.29
N MET A 42 5.55 2.50 2.19
CA MET A 42 5.36 3.35 3.37
C MET A 42 4.48 4.55 3.05
N ILE A 43 3.87 5.09 4.10
CA ILE A 43 3.01 6.26 3.97
C ILE A 43 3.15 7.15 5.21
N HIS A 44 3.41 8.43 4.99
CA HIS A 44 3.57 9.39 6.07
C HIS A 44 4.84 9.09 6.86
N GLY A 45 4.80 8.06 7.70
CA GLY A 45 5.95 7.69 8.49
C GLY A 45 5.90 6.26 8.99
N GLU A 46 5.24 5.39 8.23
CA GLU A 46 5.11 3.99 8.61
C GLU A 46 5.13 3.08 7.39
N SER A 47 5.68 1.88 7.56
CA SER A 47 5.78 0.90 6.49
C SER A 47 4.82 -0.27 6.72
N GLY A 48 4.56 -1.03 5.66
CA GLY A 48 3.66 -2.16 5.76
C GLY A 48 3.36 -2.78 4.41
N PHE A 49 2.67 -3.91 4.40
CA PHE A 49 2.32 -4.60 3.17
C PHE A 49 0.85 -4.40 2.82
N PHE A 50 0.51 -4.66 1.55
CA PHE A 50 -0.86 -4.50 1.06
C PHE A 50 -0.96 -4.91 -0.41
N PRO A 51 -1.55 -6.09 -0.71
CA PRO A 51 -1.72 -6.56 -2.09
C PRO A 51 -2.55 -5.61 -2.95
N ILE A 52 -2.41 -5.75 -4.27
CA ILE A 52 -3.13 -4.92 -5.23
C ILE A 52 -4.64 -5.16 -5.13
N ASN A 53 -5.02 -6.28 -4.52
CA ASN A 53 -6.43 -6.63 -4.37
C ASN A 53 -7.17 -5.62 -3.51
N TYR A 54 -6.47 -4.61 -3.00
CA TYR A 54 -7.09 -3.59 -2.17
C TYR A 54 -6.71 -2.18 -2.61
N VAL A 55 -5.81 -2.08 -3.59
CA VAL A 55 -5.37 -0.79 -4.09
C VAL A 55 -5.22 -0.80 -5.60
N GLU A 56 -4.93 0.37 -6.17
CA GLU A 56 -4.76 0.51 -7.61
C GLU A 56 -3.51 1.34 -7.89
N VAL A 57 -2.45 0.67 -8.32
CA VAL A 57 -1.19 1.35 -8.62
C VAL A 57 -1.40 2.46 -9.64
N ILE A 58 -1.04 3.68 -9.26
CA ILE A 58 -1.19 4.84 -10.14
C ILE A 58 0.02 4.98 -11.07
N VAL A 59 1.21 4.69 -10.55
CA VAL A 59 2.43 4.79 -11.34
C VAL A 59 3.01 3.41 -11.62
N PRO A 60 3.07 3.00 -12.91
CA PRO A 60 3.61 1.69 -13.29
C PRO A 60 5.04 1.49 -12.83
N MET A 1 8.07 12.63 -4.74
CA MET A 1 8.75 12.86 -6.05
C MET A 1 9.14 11.53 -6.70
N ASP A 2 8.66 11.31 -7.91
CA ASP A 2 8.96 10.08 -8.65
C ASP A 2 8.53 8.86 -7.86
N GLN A 3 9.08 7.70 -8.23
CA GLN A 3 8.76 6.43 -7.56
C GLN A 3 7.31 6.02 -7.81
N PRO A 4 7.05 4.71 -7.96
CA PRO A 4 5.70 4.20 -8.20
C PRO A 4 4.78 4.39 -7.01
N CYS A 5 3.58 4.91 -7.26
CA CYS A 5 2.60 5.15 -6.20
C CYS A 5 1.32 4.36 -6.45
N CYS A 6 0.36 4.50 -5.54
CA CYS A 6 -0.91 3.80 -5.67
C CYS A 6 -1.97 4.42 -4.76
N ARG A 7 -3.19 3.93 -4.88
CA ARG A 7 -4.29 4.44 -4.07
C ARG A 7 -5.23 3.31 -3.64
N GLY A 8 -5.61 3.32 -2.37
CA GLY A 8 -6.51 2.29 -1.85
C GLY A 8 -7.95 2.52 -2.27
N LEU A 9 -8.63 1.44 -2.62
CA LEU A 9 -10.04 1.52 -3.03
C LEU A 9 -10.96 1.19 -1.88
N TYR A 10 -10.50 0.30 -1.00
CA TYR A 10 -11.29 -0.11 0.16
C TYR A 10 -10.52 0.15 1.45
N ASP A 11 -11.26 0.49 2.50
CA ASP A 11 -10.66 0.78 3.80
C ASP A 11 -10.23 -0.48 4.52
N PHE A 12 -9.44 -0.28 5.57
CA PHE A 12 -8.95 -1.39 6.38
C PHE A 12 -8.39 -0.88 7.71
N GLU A 13 -8.98 -1.34 8.80
CA GLU A 13 -8.52 -0.94 10.13
C GLU A 13 -7.31 -1.78 10.56
N PRO A 14 -6.22 -1.13 10.99
CA PRO A 14 -5.00 -1.83 11.41
C PRO A 14 -5.26 -2.80 12.57
N GLU A 15 -4.81 -4.03 12.41
CA GLU A 15 -4.97 -5.05 13.43
C GLU A 15 -3.84 -6.08 13.37
N ASN A 16 -3.38 -6.38 12.15
CA ASN A 16 -2.31 -7.33 11.94
C ASN A 16 -0.96 -6.63 11.95
N GLN A 17 0.01 -7.24 12.62
CA GLN A 17 1.36 -6.68 12.70
C GLN A 17 2.10 -6.83 11.37
N GLY A 18 2.52 -5.71 10.80
CA GLY A 18 3.25 -5.74 9.54
C GLY A 18 2.42 -5.22 8.39
N GLU A 19 1.10 -5.33 8.50
CA GLU A 19 0.19 -4.86 7.46
C GLU A 19 -0.03 -3.36 7.57
N LEU A 20 -0.63 -2.78 6.54
CA LEU A 20 -0.91 -1.34 6.52
C LEU A 20 -2.41 -1.08 6.49
N GLY A 21 -2.87 -0.18 7.34
CA GLY A 21 -4.29 0.14 7.39
C GLY A 21 -4.58 1.59 7.02
N PHE A 22 -5.67 1.80 6.29
CA PHE A 22 -6.07 3.14 5.85
C PHE A 22 -7.42 3.09 5.14
N LYS A 23 -7.86 4.23 4.62
CA LYS A 23 -9.15 4.29 3.92
C LYS A 23 -9.00 4.70 2.47
N GLU A 24 -10.08 4.58 1.73
CA GLU A 24 -10.11 4.94 0.32
C GLU A 24 -9.51 6.32 0.08
N GLY A 25 -8.93 6.50 -1.09
CA GLY A 25 -8.33 7.77 -1.43
C GLY A 25 -6.93 7.95 -0.86
N ASP A 26 -6.50 7.01 -0.04
CA ASP A 26 -5.17 7.07 0.57
C ASP A 26 -4.08 6.76 -0.46
N ILE A 27 -3.14 7.67 -0.61
CA ILE A 27 -2.04 7.49 -1.54
C ILE A 27 -0.84 6.88 -0.85
N ILE A 28 -0.35 5.76 -1.38
CA ILE A 28 0.79 5.06 -0.81
C ILE A 28 1.90 4.88 -1.82
N THR A 29 3.14 5.15 -1.40
CA THR A 29 4.29 5.00 -2.26
C THR A 29 4.94 3.64 -2.04
N LEU A 30 4.94 2.80 -3.07
CA LEU A 30 5.50 1.48 -2.96
C LEU A 30 6.95 1.43 -3.43
N THR A 31 7.70 0.51 -2.82
CA THR A 31 9.09 0.33 -3.16
C THR A 31 9.63 -0.96 -2.55
N ASN A 32 8.71 -1.83 -2.16
CA ASN A 32 9.04 -3.11 -1.55
C ASN A 32 7.97 -4.11 -1.93
N GLN A 33 8.10 -5.34 -1.47
CA GLN A 33 7.12 -6.37 -1.80
C GLN A 33 7.38 -7.67 -1.08
N ILE A 34 6.29 -8.40 -0.81
CA ILE A 34 6.39 -9.68 -0.13
C ILE A 34 6.03 -10.82 -1.07
N ASP A 35 5.26 -10.51 -2.11
CA ASP A 35 4.83 -11.50 -3.07
C ASP A 35 4.24 -10.83 -4.31
N GLU A 36 4.09 -11.59 -5.40
CA GLU A 36 3.54 -11.06 -6.63
C GLU A 36 2.11 -10.59 -6.42
N ASN A 37 1.57 -10.86 -5.23
CA ASN A 37 0.21 -10.45 -4.89
C ASN A 37 0.23 -9.35 -3.85
N TRP A 38 0.94 -9.59 -2.74
CA TRP A 38 1.03 -8.60 -1.66
C TRP A 38 2.25 -7.71 -1.86
N TYR A 39 2.03 -6.40 -1.87
CA TYR A 39 3.12 -5.43 -2.04
C TYR A 39 3.56 -4.85 -0.72
N GLU A 40 4.57 -4.01 -0.76
CA GLU A 40 5.07 -3.38 0.46
C GLU A 40 5.61 -1.98 0.16
N GLY A 41 5.29 -1.05 1.06
CA GLY A 41 5.72 0.32 0.90
C GLY A 41 5.44 1.16 2.14
N MET A 42 5.39 2.48 1.98
CA MET A 42 5.12 3.36 3.11
C MET A 42 4.21 4.52 2.71
N ILE A 43 3.41 4.98 3.66
CA ILE A 43 2.51 6.11 3.44
C ILE A 43 2.73 7.17 4.50
N HIS A 44 3.12 8.37 4.06
CA HIS A 44 3.39 9.49 4.96
C HIS A 44 4.63 9.21 5.81
N GLY A 45 4.49 8.31 6.79
CA GLY A 45 5.62 7.97 7.65
C GLY A 45 5.47 6.60 8.29
N GLU A 46 4.74 5.71 7.63
CA GLU A 46 4.54 4.36 8.15
C GLU A 46 4.68 3.31 7.06
N SER A 47 5.29 2.18 7.41
CA SER A 47 5.50 1.09 6.46
C SER A 47 4.52 -0.07 6.72
N GLY A 48 4.25 -0.86 5.68
CA GLY A 48 3.34 -1.98 5.82
C GLY A 48 3.12 -2.70 4.50
N PHE A 49 2.47 -3.87 4.58
CA PHE A 49 2.18 -4.65 3.39
C PHE A 49 0.76 -4.40 2.91
N PHE A 50 0.54 -4.54 1.60
CA PHE A 50 -0.79 -4.33 1.03
C PHE A 50 -0.87 -4.83 -0.42
N PRO A 51 -1.53 -5.99 -0.65
CA PRO A 51 -1.73 -6.54 -1.99
C PRO A 51 -2.46 -5.57 -2.92
N ILE A 52 -2.40 -5.85 -4.21
CA ILE A 52 -3.05 -5.01 -5.22
C ILE A 52 -4.57 -5.05 -5.08
N ASN A 53 -5.09 -6.09 -4.43
CA ASN A 53 -6.52 -6.23 -4.26
C ASN A 53 -7.08 -5.19 -3.29
N TYR A 54 -6.21 -4.31 -2.80
CA TYR A 54 -6.63 -3.27 -1.86
C TYR A 54 -6.26 -1.88 -2.38
N VAL A 55 -5.43 -1.83 -3.41
CA VAL A 55 -5.00 -0.56 -3.99
C VAL A 55 -4.94 -0.60 -5.50
N GLU A 56 -4.63 0.53 -6.10
CA GLU A 56 -4.51 0.65 -7.54
C GLU A 56 -3.28 1.47 -7.90
N VAL A 57 -2.22 0.80 -8.32
CA VAL A 57 -0.97 1.47 -8.68
C VAL A 57 -1.20 2.48 -9.81
N ILE A 58 -0.95 3.74 -9.50
CA ILE A 58 -1.11 4.82 -10.48
C ILE A 58 -0.08 4.72 -11.59
N VAL A 59 1.17 4.53 -11.21
CA VAL A 59 2.26 4.42 -12.18
C VAL A 59 3.23 3.30 -11.80
N PRO A 60 3.08 2.10 -12.41
CA PRO A 60 3.95 0.96 -12.13
C PRO A 60 5.41 1.24 -12.50
N MET A 1 13.13 12.49 -8.85
CA MET A 1 11.97 13.41 -8.84
C MET A 1 10.66 12.63 -8.85
N ASP A 2 10.53 11.73 -9.82
CA ASP A 2 9.33 10.92 -9.95
C ASP A 2 9.32 9.78 -8.93
N GLN A 3 8.14 9.48 -8.39
CA GLN A 3 7.99 8.43 -7.40
C GLN A 3 6.69 7.64 -7.63
N PRO A 4 6.77 6.30 -7.69
CA PRO A 4 5.58 5.46 -7.91
C PRO A 4 4.67 5.43 -6.69
N CYS A 5 3.37 5.62 -6.93
CA CYS A 5 2.39 5.63 -5.85
C CYS A 5 1.10 4.92 -6.26
N CYS A 6 0.23 4.68 -5.30
CA CYS A 6 -1.04 4.01 -5.55
C CYS A 6 -2.14 4.56 -4.66
N ARG A 7 -3.36 4.11 -4.87
CA ARG A 7 -4.50 4.58 -4.08
C ARG A 7 -5.44 3.43 -3.72
N GLY A 8 -5.91 3.42 -2.48
CA GLY A 8 -6.80 2.38 -2.01
C GLY A 8 -8.21 2.53 -2.55
N LEU A 9 -8.80 1.42 -3.00
CA LEU A 9 -10.15 1.42 -3.53
C LEU A 9 -11.18 1.36 -2.40
N TYR A 10 -10.80 0.73 -1.31
CA TYR A 10 -11.68 0.60 -0.15
C TYR A 10 -10.87 0.56 1.15
N ASP A 11 -11.51 0.96 2.25
CA ASP A 11 -10.85 0.99 3.54
C ASP A 11 -10.59 -0.40 4.11
N PHE A 12 -9.75 -0.43 5.13
CA PHE A 12 -9.38 -1.67 5.81
C PHE A 12 -8.71 -1.38 7.15
N GLU A 13 -9.20 -2.06 8.19
CA GLU A 13 -8.66 -1.91 9.54
C GLU A 13 -7.94 -3.18 9.96
N PRO A 14 -6.63 -3.30 9.65
CA PRO A 14 -5.84 -4.49 9.99
C PRO A 14 -5.96 -4.87 11.46
N GLU A 15 -5.70 -6.14 11.76
CA GLU A 15 -5.77 -6.64 13.12
C GLU A 15 -4.43 -7.22 13.56
N ASN A 16 -3.41 -7.03 12.73
CA ASN A 16 -2.08 -7.53 13.02
C ASN A 16 -1.01 -6.50 12.67
N GLN A 17 0.14 -6.59 13.34
CA GLN A 17 1.24 -5.66 13.10
C GLN A 17 2.00 -6.05 11.83
N GLY A 18 2.42 -5.03 11.08
CA GLY A 18 3.15 -5.26 9.85
C GLY A 18 2.36 -4.85 8.62
N GLU A 19 1.03 -4.88 8.74
CA GLU A 19 0.16 -4.51 7.64
C GLU A 19 -0.05 -2.99 7.65
N LEU A 20 -0.54 -2.47 6.52
CA LEU A 20 -0.79 -1.03 6.43
C LEU A 20 -2.28 -0.72 6.45
N GLY A 21 -2.73 -0.06 7.52
CA GLY A 21 -4.14 0.28 7.65
C GLY A 21 -4.45 1.67 7.13
N PHE A 22 -5.59 1.80 6.46
CA PHE A 22 -6.00 3.08 5.90
C PHE A 22 -7.40 2.99 5.28
N LYS A 23 -7.79 4.05 4.57
CA LYS A 23 -9.09 4.08 3.92
C LYS A 23 -8.98 4.54 2.48
N GLU A 24 -10.07 4.37 1.74
CA GLU A 24 -10.12 4.77 0.34
C GLU A 24 -9.59 6.18 0.15
N GLY A 25 -9.00 6.42 -1.01
CA GLY A 25 -8.45 7.74 -1.31
C GLY A 25 -7.05 7.93 -0.75
N ASP A 26 -6.57 6.95 0.02
CA ASP A 26 -5.24 7.02 0.60
C ASP A 26 -4.17 6.72 -0.44
N ILE A 27 -3.09 7.49 -0.40
CA ILE A 27 -1.99 7.30 -1.34
C ILE A 27 -0.78 6.68 -0.65
N ILE A 28 -0.27 5.58 -1.21
CA ILE A 28 0.88 4.89 -0.64
C ILE A 28 2.02 4.77 -1.65
N THR A 29 3.25 4.96 -1.18
CA THR A 29 4.41 4.85 -2.04
C THR A 29 4.88 3.40 -2.13
N LEU A 30 5.04 2.91 -3.34
CA LEU A 30 5.47 1.52 -3.56
C LEU A 30 6.97 1.43 -3.79
N THR A 31 7.62 0.56 -3.01
CA THR A 31 9.06 0.38 -3.14
C THR A 31 9.54 -0.87 -2.40
N ASN A 32 8.60 -1.75 -2.08
CA ASN A 32 8.90 -2.99 -1.39
C ASN A 32 7.90 -4.05 -1.82
N GLN A 33 8.07 -5.28 -1.36
CA GLN A 33 7.15 -6.35 -1.73
C GLN A 33 7.43 -7.67 -1.03
N ILE A 34 6.37 -8.44 -0.83
CA ILE A 34 6.47 -9.73 -0.17
C ILE A 34 6.26 -10.86 -1.17
N ASP A 35 5.42 -10.62 -2.17
CA ASP A 35 5.13 -11.61 -3.19
C ASP A 35 4.44 -10.96 -4.39
N GLU A 36 4.29 -11.74 -5.47
CA GLU A 36 3.65 -11.25 -6.68
C GLU A 36 2.21 -10.80 -6.40
N ASN A 37 1.71 -11.13 -5.22
CA ASN A 37 0.34 -10.78 -4.84
C ASN A 37 0.35 -9.64 -3.82
N TRP A 38 1.05 -9.83 -2.71
CA TRP A 38 1.13 -8.82 -1.67
C TRP A 38 2.33 -7.90 -1.88
N TYR A 39 2.07 -6.60 -1.90
CA TYR A 39 3.12 -5.60 -2.11
C TYR A 39 3.46 -4.87 -0.81
N GLU A 40 4.51 -4.07 -0.85
CA GLU A 40 4.92 -3.32 0.33
C GLU A 40 5.38 -1.90 -0.02
N GLY A 41 5.10 -0.98 0.89
CA GLY A 41 5.47 0.41 0.71
C GLY A 41 5.45 1.18 2.01
N MET A 42 5.62 2.50 1.94
CA MET A 42 5.61 3.33 3.13
C MET A 42 4.74 4.57 2.94
N ILE A 43 4.28 5.13 4.04
CA ILE A 43 3.46 6.31 4.02
C ILE A 43 3.73 7.17 5.26
N HIS A 44 3.95 8.46 5.04
CA HIS A 44 4.23 9.39 6.14
C HIS A 44 5.56 9.05 6.82
N GLY A 45 5.53 8.03 7.68
CA GLY A 45 6.73 7.62 8.38
C GLY A 45 6.69 6.18 8.86
N GLU A 46 5.98 5.32 8.12
CA GLU A 46 5.87 3.92 8.47
C GLU A 46 5.58 3.05 7.26
N SER A 47 6.06 1.82 7.29
CA SER A 47 5.87 0.89 6.18
C SER A 47 4.84 -0.18 6.52
N GLY A 48 4.44 -0.95 5.51
CA GLY A 48 3.46 -2.01 5.71
C GLY A 48 3.22 -2.79 4.43
N PHE A 49 2.52 -3.92 4.54
CA PHE A 49 2.23 -4.76 3.38
C PHE A 49 0.73 -4.78 3.07
N PHE A 50 0.41 -5.12 1.82
CA PHE A 50 -0.98 -5.19 1.37
C PHE A 50 -1.06 -5.52 -0.13
N PRO A 51 -1.71 -6.64 -0.49
CA PRO A 51 -1.89 -7.05 -1.90
C PRO A 51 -2.50 -5.96 -2.77
N ILE A 52 -2.36 -6.13 -4.09
CA ILE A 52 -2.88 -5.19 -5.06
C ILE A 52 -4.40 -5.07 -5.00
N ASN A 53 -5.07 -6.10 -4.49
CA ASN A 53 -6.52 -6.10 -4.40
C ASN A 53 -7.02 -5.09 -3.36
N TYR A 54 -6.09 -4.28 -2.84
CA TYR A 54 -6.44 -3.27 -1.84
C TYR A 54 -6.23 -1.86 -2.39
N VAL A 55 -5.35 -1.73 -3.37
CA VAL A 55 -5.05 -0.43 -3.97
C VAL A 55 -4.94 -0.53 -5.48
N GLU A 56 -4.68 0.63 -6.10
CA GLU A 56 -4.52 0.72 -7.55
C GLU A 56 -3.30 1.55 -7.88
N VAL A 57 -2.21 0.89 -8.25
CA VAL A 57 -0.97 1.57 -8.58
C VAL A 57 -1.13 2.43 -9.83
N ILE A 58 -1.07 3.74 -9.65
CA ILE A 58 -1.21 4.68 -10.76
C ILE A 58 0.10 4.81 -11.54
N VAL A 59 1.20 5.03 -10.82
CA VAL A 59 2.51 5.18 -11.44
C VAL A 59 3.31 3.88 -11.32
N PRO A 60 3.77 3.32 -12.46
CA PRO A 60 4.55 2.07 -12.47
C PRO A 60 5.84 2.20 -11.66
N MET A 1 14.76 6.78 -11.60
CA MET A 1 13.80 7.66 -12.32
C MET A 1 12.40 7.04 -12.32
N ASP A 2 12.20 6.03 -11.47
CA ASP A 2 10.91 5.37 -11.37
C ASP A 2 10.35 5.46 -9.95
N GLN A 3 9.09 5.87 -9.84
CA GLN A 3 8.44 6.01 -8.55
C GLN A 3 7.03 5.43 -8.58
N PRO A 4 6.89 4.11 -8.33
CA PRO A 4 5.58 3.44 -8.34
C PRO A 4 4.69 3.92 -7.20
N CYS A 5 3.49 4.38 -7.55
CA CYS A 5 2.54 4.87 -6.57
C CYS A 5 1.17 4.20 -6.76
N CYS A 6 0.35 4.26 -5.72
CA CYS A 6 -0.98 3.65 -5.78
C CYS A 6 -1.95 4.38 -4.87
N ARG A 7 -3.22 3.98 -4.95
CA ARG A 7 -4.27 4.60 -4.14
C ARG A 7 -5.27 3.56 -3.66
N GLY A 8 -5.51 3.55 -2.35
CA GLY A 8 -6.44 2.59 -1.77
C GLY A 8 -7.82 2.65 -2.39
N LEU A 9 -8.46 1.50 -2.51
CA LEU A 9 -9.78 1.39 -3.09
C LEU A 9 -10.85 1.29 -2.03
N TYR A 10 -10.54 0.54 -0.97
CA TYR A 10 -11.47 0.36 0.14
C TYR A 10 -10.75 0.52 1.48
N ASP A 11 -11.47 1.02 2.47
CA ASP A 11 -10.88 1.22 3.80
C ASP A 11 -10.47 -0.08 4.46
N PHE A 12 -9.61 0.05 5.45
CA PHE A 12 -9.10 -1.09 6.20
C PHE A 12 -8.43 -0.63 7.49
N GLU A 13 -8.93 -1.14 8.62
CA GLU A 13 -8.37 -0.79 9.92
C GLU A 13 -7.33 -1.82 10.32
N PRO A 14 -6.09 -1.39 10.64
CA PRO A 14 -5.01 -2.30 11.04
C PRO A 14 -5.46 -3.32 12.07
N GLU A 15 -5.06 -4.58 11.85
CA GLU A 15 -5.42 -5.66 12.75
C GLU A 15 -4.21 -6.52 13.09
N ASN A 16 -3.36 -6.75 12.10
CA ASN A 16 -2.15 -7.56 12.28
C ASN A 16 -0.90 -6.70 12.18
N GLN A 17 0.01 -6.88 13.12
CA GLN A 17 1.25 -6.12 13.14
C GLN A 17 2.04 -6.33 11.86
N GLY A 18 2.43 -5.23 11.22
CA GLY A 18 3.19 -5.32 9.98
C GLY A 18 2.36 -4.94 8.77
N GLU A 19 1.04 -5.14 8.86
CA GLU A 19 0.14 -4.81 7.77
C GLU A 19 -0.11 -3.31 7.70
N LEU A 20 -0.66 -2.85 6.59
CA LEU A 20 -0.93 -1.42 6.41
C LEU A 20 -2.44 -1.14 6.48
N GLY A 21 -2.80 -0.10 7.23
CA GLY A 21 -4.21 0.26 7.36
C GLY A 21 -4.48 1.70 6.99
N PHE A 22 -5.51 1.91 6.17
CA PHE A 22 -5.89 3.25 5.73
C PHE A 22 -7.28 3.23 5.09
N LYS A 23 -7.69 4.36 4.52
CA LYS A 23 -8.99 4.45 3.88
C LYS A 23 -8.88 4.82 2.40
N GLU A 24 -9.98 4.65 1.69
CA GLU A 24 -10.05 4.96 0.27
C GLU A 24 -9.51 6.36 -0.02
N GLY A 25 -8.93 6.52 -1.20
CA GLY A 25 -8.39 7.80 -1.61
C GLY A 25 -7.02 8.07 -1.04
N ASP A 26 -6.53 7.18 -0.18
CA ASP A 26 -5.22 7.35 0.43
C ASP A 26 -4.11 6.98 -0.56
N ILE A 27 -3.11 7.85 -0.66
CA ILE A 27 -1.99 7.63 -1.55
C ILE A 27 -0.85 6.94 -0.81
N ILE A 28 -0.29 5.90 -1.40
CA ILE A 28 0.81 5.16 -0.78
C ILE A 28 2.00 5.02 -1.73
N THR A 29 3.20 5.17 -1.19
CA THR A 29 4.42 5.05 -1.98
C THR A 29 4.97 3.63 -1.84
N LEU A 30 5.20 2.97 -2.98
CA LEU A 30 5.71 1.61 -2.96
C LEU A 30 7.22 1.57 -3.15
N THR A 31 7.85 0.63 -2.46
CA THR A 31 9.30 0.47 -2.55
C THR A 31 9.74 -0.86 -1.93
N ASN A 32 8.77 -1.74 -1.70
CA ASN A 32 9.01 -3.04 -1.12
C ASN A 32 8.00 -4.02 -1.68
N GLN A 33 8.20 -5.32 -1.46
CA GLN A 33 7.27 -6.30 -1.98
C GLN A 33 7.58 -7.72 -1.53
N ILE A 34 6.54 -8.52 -1.41
CA ILE A 34 6.69 -9.92 -1.00
C ILE A 34 6.54 -10.83 -2.21
N ASP A 35 5.65 -10.46 -3.12
CA ASP A 35 5.40 -11.24 -4.33
C ASP A 35 4.58 -10.43 -5.31
N GLU A 36 4.32 -11.00 -6.48
CA GLU A 36 3.54 -10.32 -7.52
C GLU A 36 2.12 -10.07 -7.05
N ASN A 37 1.77 -10.58 -5.87
CA ASN A 37 0.43 -10.40 -5.33
C ASN A 37 0.44 -9.38 -4.19
N TRP A 38 1.20 -9.67 -3.13
CA TRP A 38 1.28 -8.78 -1.98
C TRP A 38 2.44 -7.79 -2.14
N TYR A 39 2.16 -6.49 -2.00
CA TYR A 39 3.19 -5.46 -2.13
C TYR A 39 3.48 -4.81 -0.79
N GLU A 40 4.52 -3.98 -0.76
CA GLU A 40 4.89 -3.28 0.48
C GLU A 40 5.37 -1.86 0.18
N GLY A 41 5.11 -0.98 1.13
CA GLY A 41 5.53 0.42 0.99
C GLY A 41 5.27 1.22 2.25
N MET A 42 5.41 2.54 2.15
CA MET A 42 5.20 3.42 3.30
C MET A 42 4.53 4.72 2.88
N ILE A 43 3.94 5.39 3.86
CA ILE A 43 3.28 6.66 3.63
C ILE A 43 3.12 7.44 4.93
N HIS A 44 3.24 8.76 4.86
CA HIS A 44 3.13 9.63 6.03
C HIS A 44 4.26 9.38 7.02
N GLY A 45 4.14 8.31 7.80
CA GLY A 45 5.17 7.98 8.76
C GLY A 45 5.13 6.53 9.20
N GLU A 46 4.70 5.64 8.31
CA GLU A 46 4.62 4.21 8.64
C GLU A 46 4.52 3.37 7.37
N SER A 47 5.07 2.16 7.46
CA SER A 47 5.06 1.22 6.34
C SER A 47 4.21 -0.02 6.67
N GLY A 48 3.95 -0.83 5.66
CA GLY A 48 3.16 -2.03 5.86
C GLY A 48 3.00 -2.83 4.58
N PHE A 49 2.41 -4.02 4.69
CA PHE A 49 2.21 -4.88 3.52
C PHE A 49 0.71 -4.98 3.17
N PHE A 50 0.44 -5.27 1.90
CA PHE A 50 -0.92 -5.41 1.40
C PHE A 50 -0.96 -5.59 -0.12
N PRO A 51 -1.53 -6.70 -0.61
CA PRO A 51 -1.66 -6.98 -2.04
C PRO A 51 -2.46 -5.93 -2.79
N ILE A 52 -2.43 -6.01 -4.12
CA ILE A 52 -3.15 -5.07 -4.97
C ILE A 52 -4.64 -5.07 -4.67
N ASN A 53 -5.11 -6.13 -4.02
CA ASN A 53 -6.52 -6.26 -3.67
C ASN A 53 -6.95 -5.21 -2.65
N TYR A 54 -6.07 -4.27 -2.35
CA TYR A 54 -6.37 -3.21 -1.38
C TYR A 54 -6.17 -1.83 -1.99
N VAL A 55 -5.34 -1.74 -3.03
CA VAL A 55 -5.07 -0.46 -3.67
C VAL A 55 -5.07 -0.58 -5.20
N GLU A 56 -4.90 0.56 -5.86
CA GLU A 56 -4.86 0.61 -7.30
C GLU A 56 -3.56 1.29 -7.76
N VAL A 57 -2.57 0.49 -8.10
CA VAL A 57 -1.28 1.00 -8.55
C VAL A 57 -1.43 1.84 -9.82
N ILE A 58 -1.25 3.15 -9.68
CA ILE A 58 -1.36 4.06 -10.82
C ILE A 58 -0.17 3.89 -11.75
N VAL A 59 1.00 3.61 -11.17
CA VAL A 59 2.21 3.42 -11.95
C VAL A 59 2.94 2.13 -11.53
N PRO A 60 2.72 1.02 -12.26
CA PRO A 60 3.35 -0.26 -11.95
C PRO A 60 4.88 -0.20 -12.08
N MET A 1 14.56 7.47 -11.54
CA MET A 1 14.38 8.30 -10.33
C MET A 1 12.91 8.36 -9.93
N ASP A 2 12.03 8.10 -10.89
CA ASP A 2 10.59 8.12 -10.64
C ASP A 2 10.15 6.88 -9.87
N GLN A 3 9.47 7.08 -8.75
CA GLN A 3 8.99 5.97 -7.93
C GLN A 3 7.49 5.75 -8.13
N PRO A 4 7.05 4.49 -8.29
CA PRO A 4 5.62 4.17 -8.48
C PRO A 4 4.80 4.35 -7.21
N CYS A 5 3.53 4.69 -7.38
CA CYS A 5 2.63 4.88 -6.24
C CYS A 5 1.27 4.27 -6.54
N CYS A 6 0.46 4.10 -5.50
CA CYS A 6 -0.87 3.51 -5.65
C CYS A 6 -1.86 4.13 -4.67
N ARG A 7 -3.12 3.73 -4.80
CA ARG A 7 -4.18 4.26 -3.94
C ARG A 7 -5.18 3.17 -3.58
N GLY A 8 -5.58 3.14 -2.31
CA GLY A 8 -6.53 2.14 -1.85
C GLY A 8 -7.96 2.43 -2.28
N LEU A 9 -8.70 1.37 -2.60
CA LEU A 9 -10.08 1.51 -3.03
C LEU A 9 -11.04 1.15 -1.90
N TYR A 10 -10.62 0.22 -1.05
CA TYR A 10 -11.44 -0.20 0.08
C TYR A 10 -10.78 0.16 1.40
N ASP A 11 -11.59 0.48 2.40
CA ASP A 11 -11.08 0.85 3.71
C ASP A 11 -10.67 -0.37 4.53
N PHE A 12 -9.81 -0.11 5.49
CA PHE A 12 -9.30 -1.15 6.38
C PHE A 12 -8.63 -0.54 7.61
N GLU A 13 -9.16 -0.85 8.78
CA GLU A 13 -8.60 -0.34 10.03
C GLU A 13 -7.46 -1.26 10.51
N PRO A 14 -6.24 -0.71 10.68
CA PRO A 14 -5.10 -1.51 11.13
C PRO A 14 -5.21 -1.90 12.59
N GLU A 15 -4.90 -3.16 12.88
CA GLU A 15 -4.98 -3.67 14.25
C GLU A 15 -3.69 -4.41 14.63
N ASN A 16 -2.87 -4.71 13.63
CA ASN A 16 -1.62 -5.41 13.86
C ASN A 16 -0.48 -4.73 13.11
N GLN A 17 0.63 -4.49 13.81
CA GLN A 17 1.80 -3.85 13.22
C GLN A 17 2.37 -4.68 12.07
N GLY A 18 2.80 -4.00 11.02
CA GLY A 18 3.37 -4.70 9.87
C GLY A 18 2.49 -4.57 8.63
N GLU A 19 1.21 -4.31 8.85
CA GLU A 19 0.26 -4.16 7.76
C GLU A 19 -0.04 -2.68 7.51
N LEU A 20 -0.55 -2.38 6.32
CA LEU A 20 -0.90 -1.01 5.97
C LEU A 20 -2.39 -0.78 6.13
N GLY A 21 -2.76 0.07 7.09
CA GLY A 21 -4.15 0.36 7.35
C GLY A 21 -4.54 1.77 6.97
N PHE A 22 -5.63 1.89 6.22
CA PHE A 22 -6.14 3.19 5.78
C PHE A 22 -7.45 3.04 5.02
N LYS A 23 -8.00 4.15 4.55
CA LYS A 23 -9.26 4.15 3.82
C LYS A 23 -9.07 4.57 2.37
N GLU A 24 -10.14 4.48 1.60
CA GLU A 24 -10.12 4.85 0.20
C GLU A 24 -9.58 6.27 0.01
N GLY A 25 -8.93 6.50 -1.12
CA GLY A 25 -8.37 7.80 -1.41
C GLY A 25 -6.97 7.98 -0.84
N ASP A 26 -6.56 7.04 0.01
CA ASP A 26 -5.23 7.11 0.61
C ASP A 26 -4.15 6.77 -0.41
N ILE A 27 -3.05 7.51 -0.37
CA ILE A 27 -1.94 7.28 -1.28
C ILE A 27 -0.72 6.76 -0.54
N ILE A 28 -0.13 5.68 -1.04
CA ILE A 28 1.04 5.08 -0.42
C ILE A 28 2.15 4.89 -1.44
N THR A 29 3.41 5.04 -1.00
CA THR A 29 4.55 4.89 -1.89
C THR A 29 5.01 3.44 -1.96
N LEU A 30 5.24 2.95 -3.17
CA LEU A 30 5.66 1.57 -3.38
C LEU A 30 7.18 1.49 -3.51
N THR A 31 7.79 0.57 -2.75
CA THR A 31 9.23 0.40 -2.80
C THR A 31 9.65 -0.89 -2.11
N ASN A 32 8.69 -1.79 -1.91
CA ASN A 32 8.94 -3.06 -1.27
C ASN A 32 7.91 -4.06 -1.74
N GLN A 33 8.05 -5.32 -1.32
CA GLN A 33 7.09 -6.35 -1.73
C GLN A 33 7.35 -7.68 -1.05
N ILE A 34 6.27 -8.44 -0.86
CA ILE A 34 6.36 -9.74 -0.23
C ILE A 34 6.13 -10.84 -1.25
N ASP A 35 5.25 -10.57 -2.21
CA ASP A 35 4.93 -11.54 -3.25
C ASP A 35 4.36 -10.83 -4.48
N GLU A 36 4.18 -11.57 -5.56
CA GLU A 36 3.65 -11.00 -6.79
C GLU A 36 2.23 -10.47 -6.59
N ASN A 37 1.65 -10.78 -5.43
CA ASN A 37 0.30 -10.34 -5.10
C ASN A 37 0.31 -9.26 -4.03
N TRP A 38 0.93 -9.56 -2.89
CA TRP A 38 1.00 -8.62 -1.79
C TRP A 38 2.23 -7.72 -1.96
N TYR A 39 2.01 -6.40 -1.95
CA TYR A 39 3.10 -5.44 -2.10
C TYR A 39 3.50 -4.84 -0.77
N GLU A 40 4.51 -3.99 -0.79
CA GLU A 40 4.98 -3.33 0.41
C GLU A 40 5.50 -1.93 0.11
N GLY A 41 5.15 -1.00 0.99
CA GLY A 41 5.57 0.37 0.82
C GLY A 41 5.56 1.11 2.14
N MET A 42 5.71 2.44 2.08
CA MET A 42 5.71 3.25 3.29
C MET A 42 4.90 4.52 3.10
N ILE A 43 4.42 5.04 4.22
CA ILE A 43 3.65 6.27 4.24
C ILE A 43 4.05 7.10 5.45
N HIS A 44 3.89 8.43 5.35
CA HIS A 44 4.24 9.34 6.44
C HIS A 44 4.10 8.69 7.81
N GLY A 45 3.09 7.84 7.95
CA GLY A 45 2.86 7.16 9.21
C GLY A 45 3.79 5.97 9.43
N GLU A 46 3.73 4.99 8.53
CA GLU A 46 4.56 3.79 8.66
C GLU A 46 4.54 2.94 7.41
N SER A 47 5.38 1.92 7.42
CA SER A 47 5.49 0.99 6.30
C SER A 47 4.82 -0.35 6.61
N GLY A 48 4.28 -0.99 5.58
CA GLY A 48 3.62 -2.27 5.75
C GLY A 48 3.32 -2.94 4.42
N PHE A 49 2.57 -4.04 4.44
CA PHE A 49 2.23 -4.75 3.22
C PHE A 49 0.78 -4.51 2.83
N PHE A 50 0.47 -4.71 1.55
CA PHE A 50 -0.88 -4.50 1.04
C PHE A 50 -0.97 -4.93 -0.43
N PRO A 51 -1.59 -6.10 -0.71
CA PRO A 51 -1.77 -6.60 -2.08
C PRO A 51 -2.55 -5.64 -2.97
N ILE A 52 -2.45 -5.86 -4.27
CA ILE A 52 -3.13 -5.02 -5.26
C ILE A 52 -4.65 -5.16 -5.15
N ASN A 53 -5.09 -6.24 -4.51
CA ASN A 53 -6.52 -6.50 -4.34
C ASN A 53 -7.18 -5.43 -3.48
N TYR A 54 -6.39 -4.51 -2.94
CA TYR A 54 -6.93 -3.45 -2.09
C TYR A 54 -6.51 -2.06 -2.55
N VAL A 55 -5.65 -2.00 -3.57
CA VAL A 55 -5.17 -0.73 -4.09
C VAL A 55 -5.14 -0.72 -5.61
N GLU A 56 -4.82 0.43 -6.18
CA GLU A 56 -4.75 0.60 -7.62
C GLU A 56 -3.56 1.50 -7.97
N VAL A 57 -2.51 0.89 -8.50
CA VAL A 57 -1.30 1.64 -8.87
C VAL A 57 -1.63 2.79 -9.82
N ILE A 58 -1.25 4.00 -9.43
CA ILE A 58 -1.50 5.19 -10.23
C ILE A 58 -0.51 5.28 -11.39
N VAL A 59 0.78 5.19 -11.06
CA VAL A 59 1.82 5.26 -12.07
C VAL A 59 2.41 3.87 -12.35
N PRO A 60 2.11 3.28 -13.53
CA PRO A 60 2.62 1.95 -13.90
C PRO A 60 4.13 1.88 -13.83
#